data_1XFG
#
_entry.id   1XFG
#
_cell.length_a   70.250
_cell.length_b   82.400
_cell.length_c   85.830
_cell.angle_alpha   90.00
_cell.angle_beta   90.00
_cell.angle_gamma   90.00
#
_symmetry.space_group_name_H-M   'P 21 21 21'
#
loop_
_entity.id
_entity.type
_entity.pdbx_description
1 polymer 'Glucosamine--fructose-6-phosphate aminotransferase [isomerizing]'
2 non-polymer 'SODIUM ION'
3 non-polymer 'ACETATE ION'
4 non-polymer 'GLUTAMINE HYDROXAMATE'
5 water water
#
_entity_poly.entity_id   1
_entity_poly.type   'polypeptide(L)'
_entity_poly.pdbx_seq_one_letter_code
;CGIVGAIAQRDVAEILLEGLRRLEYRGYDSAGLAVVDAEGHMTRLRRLGKVQMLAQAAEEHPLHGGTGIAHTRWATHGEP
SEVNAHPHVSEHIVVVHNGIIENHEPLREELKARGYTFVSETDTEVIAHLVNWELKQGGTLREAVLRAIPQLRGAYGTVI
MDSRHPDTLLAARSGSPLVIGLGMGENFIASDQLALLPVTRRFIFLEEGDIAEITRRSVNIFDKTGAEVKRQDIESNLQY
;
_entity_poly.pdbx_strand_id   A,B
#
# COMPACT_ATOMS: atom_id res chain seq x y z
N CYS A 1 -23.34 9.16 4.70
CA CYS A 1 -22.55 10.12 5.55
C CYS A 1 -21.05 10.06 5.32
N GLY A 2 -20.44 8.89 5.50
CA GLY A 2 -19.01 8.76 5.17
C GLY A 2 -18.85 7.80 4.00
N ILE A 3 -17.97 8.17 3.05
CA ILE A 3 -17.62 7.32 1.93
C ILE A 3 -16.14 7.13 1.97
N VAL A 4 -15.69 5.90 1.77
CA VAL A 4 -14.29 5.66 1.54
C VAL A 4 -14.18 4.65 0.40
N GLY A 5 -13.19 4.81 -0.45
CA GLY A 5 -13.07 3.85 -1.58
C GLY A 5 -11.59 3.70 -1.86
N ALA A 6 -11.21 2.60 -2.52
CA ALA A 6 -9.78 2.38 -2.73
C ALA A 6 -9.66 1.52 -3.96
N ILE A 7 -8.59 1.71 -4.70
CA ILE A 7 -8.33 0.81 -5.82
C ILE A 7 -6.80 0.61 -5.79
N ALA A 8 -6.40 -0.63 -5.53
CA ALA A 8 -5.02 -0.87 -5.14
C ALA A 8 -4.65 -2.25 -5.63
N GLN A 9 -3.39 -2.57 -5.45
CA GLN A 9 -2.99 -3.92 -5.71
C GLN A 9 -3.18 -4.78 -4.43
N ARG A 10 -2.95 -4.21 -3.26
CA ARG A 10 -3.13 -4.93 -2.04
C ARG A 10 -4.60 -5.03 -1.64
N ASP A 11 -4.93 -5.92 -0.72
CA ASP A 11 -6.31 -6.01 -0.25
C ASP A 11 -6.66 -4.69 0.43
N VAL A 12 -7.86 -4.19 0.17
CA VAL A 12 -8.18 -2.84 0.74
C VAL A 12 -9.17 -2.83 1.89
N ALA A 13 -9.70 -4.00 2.26
CA ALA A 13 -10.76 -4.03 3.25
C ALA A 13 -10.35 -3.36 4.54
N GLU A 14 -9.12 -3.63 4.98
CA GLU A 14 -8.69 -3.05 6.26
C GLU A 14 -8.56 -1.55 6.14
N ILE A 15 -8.09 -1.06 5.01
CA ILE A 15 -8.00 0.39 4.79
C ILE A 15 -9.40 1.01 4.78
N LEU A 16 -10.38 0.34 4.17
CA LEU A 16 -11.74 0.89 4.16
C LEU A 16 -12.33 0.96 5.57
N LEU A 17 -12.16 -0.13 6.30
CA LEU A 17 -12.68 -0.23 7.68
C LEU A 17 -12.03 0.86 8.53
N GLU A 18 -10.74 1.08 8.35
CA GLU A 18 -10.09 2.11 9.16
C GLU A 18 -10.58 3.50 8.73
N GLY A 19 -10.82 3.70 7.43
CA GLY A 19 -11.37 4.97 7.00
C GLY A 19 -12.74 5.15 7.61
N LEU A 20 -13.57 4.08 7.70
CA LEU A 20 -14.90 4.27 8.30
C LEU A 20 -14.74 4.65 9.77
N ARG A 21 -13.81 4.01 10.45
CA ARG A 21 -13.61 4.32 11.87
C ARG A 21 -13.32 5.76 12.04
N ARG A 22 -12.53 6.32 11.12
CA ARG A 22 -12.18 7.74 11.20
C ARG A 22 -13.32 8.65 10.87
N LEU A 23 -14.41 8.10 10.30
CA LEU A 23 -15.59 8.89 9.94
C LEU A 23 -16.74 8.76 10.94
N GLU A 24 -16.56 7.90 11.92
CA GLU A 24 -17.66 7.64 12.89
C GLU A 24 -18.09 8.86 13.69
N TYR A 25 -17.15 9.76 13.96
CA TYR A 25 -17.48 10.88 14.84
C TYR A 25 -18.70 11.65 14.31
N ARG A 26 -18.96 11.58 13.01
CA ARG A 26 -20.09 12.32 12.41
C ARG A 26 -21.45 11.75 12.79
N GLY A 27 -21.47 10.49 13.22
CA GLY A 27 -22.70 9.80 13.54
C GLY A 27 -23.27 9.04 12.36
N TYR A 28 -24.01 7.97 12.66
CA TYR A 28 -24.49 7.10 11.61
C TYR A 28 -25.29 5.95 12.25
N ASP A 29 -26.06 5.23 11.46
CA ASP A 29 -26.88 4.15 11.95
C ASP A 29 -26.50 2.82 11.39
N SER A 30 -25.71 2.79 10.32
CA SER A 30 -25.37 1.54 9.69
C SER A 30 -24.14 1.72 8.83
N ALA A 31 -23.57 0.64 8.36
CA ALA A 31 -22.31 0.80 7.61
C ALA A 31 -22.15 -0.42 6.78
N GLY A 32 -21.31 -0.35 5.74
CA GLY A 32 -21.21 -1.50 4.86
C GLY A 32 -20.01 -1.32 3.98
N LEU A 33 -19.59 -2.42 3.39
CA LEU A 33 -18.48 -2.34 2.41
C LEU A 33 -18.64 -3.41 1.39
N ALA A 34 -17.98 -3.19 0.26
CA ALA A 34 -17.98 -4.17 -0.84
C ALA A 34 -16.62 -4.12 -1.42
N VAL A 35 -16.06 -5.31 -1.67
CA VAL A 35 -14.72 -5.38 -2.27
C VAL A 35 -14.81 -6.37 -3.39
N VAL A 36 -13.97 -6.16 -4.39
CA VAL A 36 -14.00 -7.02 -5.57
C VAL A 36 -12.58 -7.44 -5.84
N ASP A 37 -12.35 -8.73 -6.07
CA ASP A 37 -11.01 -9.12 -6.45
C ASP A 37 -10.73 -9.06 -7.93
N ALA A 38 -9.53 -9.45 -8.35
CA ALA A 38 -9.12 -9.22 -9.74
C ALA A 38 -9.98 -10.03 -10.71
N GLU A 39 -10.60 -11.07 -10.21
CA GLU A 39 -11.43 -11.94 -11.04
C GLU A 39 -12.88 -11.55 -10.97
N GLY A 40 -13.17 -10.39 -10.39
CA GLY A 40 -14.53 -9.90 -10.44
C GLY A 40 -15.47 -10.56 -9.42
N HIS A 41 -14.90 -11.25 -8.44
CA HIS A 41 -15.67 -11.78 -7.32
C HIS A 41 -15.89 -10.68 -6.27
N MET A 42 -17.15 -10.33 -6.02
CA MET A 42 -17.51 -9.24 -5.12
C MET A 42 -17.96 -9.81 -3.80
N THR A 43 -17.51 -9.24 -2.69
CA THR A 43 -18.05 -9.60 -1.38
C THR A 43 -18.62 -8.35 -0.78
N ARG A 44 -19.86 -8.40 -0.31
CA ARG A 44 -20.51 -7.21 0.25
C ARG A 44 -20.96 -7.57 1.66
N LEU A 45 -20.71 -6.70 2.61
CA LEU A 45 -21.08 -6.98 3.97
C LEU A 45 -21.69 -5.69 4.50
N ARG A 46 -22.86 -5.75 5.14
CA ARG A 46 -23.44 -4.53 5.69
C ARG A 46 -24.03 -4.88 7.04
N ARG A 47 -24.15 -3.90 7.92
CA ARG A 47 -24.70 -4.14 9.27
C ARG A 47 -25.48 -2.94 9.68
N LEU A 48 -26.67 -3.18 10.22
CA LEU A 48 -27.32 -2.19 11.03
C LEU A 48 -26.49 -2.11 12.31
N GLY A 49 -26.01 -0.92 12.65
CA GLY A 49 -25.23 -0.79 13.85
C GLY A 49 -23.88 -0.14 13.59
N LYS A 50 -22.89 -0.52 14.38
CA LYS A 50 -21.64 0.24 14.41
C LYS A 50 -20.60 -0.36 13.50
N VAL A 51 -19.62 0.46 13.14
CA VAL A 51 -18.54 -0.01 12.32
C VAL A 51 -17.85 -1.18 13.01
N GLN A 52 -17.77 -1.15 14.34
CA GLN A 52 -17.12 -2.26 15.04
C GLN A 52 -17.83 -3.58 14.76
N MET A 53 -19.15 -3.53 14.64
CA MET A 53 -19.93 -4.72 14.33
C MET A 53 -19.57 -5.22 12.95
N LEU A 54 -19.38 -4.28 12.03
CA LEU A 54 -19.02 -4.60 10.67
C LEU A 54 -17.61 -5.19 10.63
N ALA A 55 -16.70 -4.60 11.41
CA ALA A 55 -15.31 -5.04 11.45
C ALA A 55 -15.26 -6.41 12.04
N GLN A 56 -16.08 -6.68 13.03
CA GLN A 56 -16.12 -8.04 13.58
C GLN A 56 -16.63 -9.08 12.58
N ALA A 57 -17.66 -8.75 11.83
CA ALA A 57 -18.16 -9.66 10.79
C ALA A 57 -17.12 -9.83 9.71
N ALA A 58 -16.34 -8.77 9.45
CA ALA A 58 -15.38 -8.86 8.37
C ALA A 58 -14.29 -9.83 8.76
N GLU A 59 -14.06 -9.98 10.06
CA GLU A 59 -12.96 -10.85 10.56
C GLU A 59 -13.27 -12.33 10.41
N GLU A 60 -14.54 -12.63 10.15
CA GLU A 60 -14.93 -14.01 9.89
C GLU A 60 -15.19 -14.25 8.40
N HIS A 61 -14.74 -13.30 7.58
CA HIS A 61 -15.04 -13.27 6.17
C HIS A 61 -13.84 -12.83 5.35
N PRO A 62 -12.66 -12.76 5.94
CA PRO A 62 -11.57 -12.05 5.32
C PRO A 62 -11.87 -11.76 3.85
N LEU A 63 -12.23 -10.50 3.59
CA LEU A 63 -12.59 -10.05 2.27
C LEU A 63 -11.35 -9.77 1.40
N HIS A 64 -11.16 -10.53 0.35
CA HIS A 64 -9.99 -10.24 -0.48
C HIS A 64 -10.38 -9.42 -1.66
N GLY A 65 -9.48 -8.52 -2.05
CA GLY A 65 -9.75 -7.78 -3.26
C GLY A 65 -9.14 -6.40 -3.12
N GLY A 66 -8.65 -5.89 -4.24
CA GLY A 66 -7.95 -4.63 -4.23
C GLY A 66 -8.84 -3.46 -4.62
N THR A 67 -10.14 -3.68 -4.88
CA THR A 67 -11.00 -2.54 -5.25
C THR A 67 -12.21 -2.59 -4.34
N GLY A 68 -12.59 -1.47 -3.70
CA GLY A 68 -13.71 -1.59 -2.72
C GLY A 68 -14.24 -0.21 -2.39
N ILE A 69 -15.45 -0.16 -1.85
CA ILE A 69 -16.05 1.09 -1.44
C ILE A 69 -16.76 0.78 -0.14
N ALA A 70 -16.95 1.78 0.70
CA ALA A 70 -17.53 1.52 2.00
C ALA A 70 -18.24 2.78 2.40
N HIS A 71 -19.10 2.68 3.39
CA HIS A 71 -19.99 3.80 3.65
C HIS A 71 -20.51 3.65 5.06
N THR A 72 -20.66 4.79 5.75
CA THR A 72 -21.50 4.83 6.94
C THR A 72 -22.70 5.66 6.55
N ARG A 73 -23.85 5.20 6.98
CA ARG A 73 -25.08 5.83 6.57
C ARG A 73 -25.71 6.61 7.70
N TRP A 74 -26.26 7.77 7.37
CA TRP A 74 -27.22 8.42 8.23
C TRP A 74 -28.52 8.44 7.44
N ALA A 75 -29.47 7.58 7.84
CA ALA A 75 -30.65 7.31 7.04
C ALA A 75 -31.39 8.59 6.73
N THR A 76 -31.78 8.79 5.46
CA THR A 76 -32.77 9.82 5.14
C THR A 76 -33.95 9.22 4.40
N HIS A 77 -33.71 8.25 3.52
CA HIS A 77 -34.74 7.61 2.77
C HIS A 77 -34.73 6.14 3.08
N GLY A 78 -35.69 5.69 3.89
CA GLY A 78 -35.77 4.28 4.28
C GLY A 78 -35.20 4.18 5.67
N GLU A 79 -35.87 3.43 6.55
CA GLU A 79 -35.40 3.35 7.91
C GLU A 79 -34.05 2.65 7.96
N PRO A 80 -33.31 2.85 9.03
CA PRO A 80 -32.07 2.09 9.21
C PRO A 80 -32.36 0.62 9.26
N SER A 81 -31.67 -0.13 8.44
CA SER A 81 -31.83 -1.58 8.40
C SER A 81 -30.72 -2.07 7.53
N GLU A 82 -30.40 -3.35 7.60
CA GLU A 82 -29.30 -3.83 6.78
C GLU A 82 -29.69 -3.71 5.34
N VAL A 83 -30.95 -3.97 5.03
CA VAL A 83 -31.37 -3.92 3.60
C VAL A 83 -31.14 -2.54 2.98
N ASN A 84 -31.32 -1.49 3.77
CA ASN A 84 -31.18 -0.14 3.26
C ASN A 84 -29.75 0.40 3.36
N ALA A 85 -28.90 -0.27 4.08
CA ALA A 85 -27.49 0.16 4.16
C ALA A 85 -26.79 0.07 2.80
N HIS A 86 -25.76 0.89 2.62
CA HIS A 86 -24.97 0.80 1.41
C HIS A 86 -23.72 0.01 1.66
N PRO A 87 -23.17 -0.66 0.65
CA PRO A 87 -23.27 -0.25 -0.76
C PRO A 87 -24.58 -0.89 -1.30
N HIS A 88 -25.23 -0.25 -2.26
CA HIS A 88 -26.38 -0.89 -2.97
C HIS A 88 -25.90 -1.46 -4.28
N VAL A 89 -26.61 -2.48 -4.79
CA VAL A 89 -26.14 -3.15 -5.96
C VAL A 89 -27.20 -3.15 -7.03
N SER A 90 -26.75 -3.33 -8.26
CA SER A 90 -27.68 -3.64 -9.34
C SER A 90 -26.89 -4.59 -10.21
N GLU A 91 -26.98 -5.87 -9.84
CA GLU A 91 -26.17 -6.90 -10.45
C GLU A 91 -24.71 -6.52 -10.19
N HIS A 92 -23.95 -6.21 -11.22
CA HIS A 92 -22.53 -5.93 -11.05
C HIS A 92 -22.23 -4.46 -10.65
N ILE A 93 -23.20 -3.57 -10.72
CA ILE A 93 -22.96 -2.15 -10.35
C ILE A 93 -23.10 -2.04 -8.83
N VAL A 94 -22.15 -1.39 -8.17
CA VAL A 94 -22.19 -1.32 -6.72
C VAL A 94 -21.98 0.16 -6.39
N VAL A 95 -22.76 0.72 -5.48
CA VAL A 95 -22.76 2.18 -5.28
C VAL A 95 -22.74 2.51 -3.82
N VAL A 96 -22.06 3.60 -3.47
CA VAL A 96 -22.26 4.18 -2.14
C VAL A 96 -22.61 5.61 -2.43
N HIS A 97 -23.36 6.20 -1.54
CA HIS A 97 -23.85 7.53 -1.92
C HIS A 97 -24.02 8.44 -0.67
N ASN A 98 -23.56 9.70 -0.73
CA ASN A 98 -23.87 10.67 0.35
C ASN A 98 -24.84 11.65 -0.22
N GLY A 99 -25.81 12.06 0.56
CA GLY A 99 -26.72 13.10 0.08
C GLY A 99 -28.05 12.51 -0.31
N ILE A 100 -28.78 13.22 -1.15
CA ILE A 100 -30.13 12.84 -1.46
C ILE A 100 -30.36 13.01 -2.94
N ILE A 101 -31.07 12.06 -3.51
CA ILE A 101 -31.47 12.16 -4.89
C ILE A 101 -32.91 12.65 -4.83
N GLU A 102 -33.10 13.93 -5.09
CA GLU A 102 -34.40 14.55 -4.84
C GLU A 102 -35.47 14.02 -5.76
N ASN A 103 -35.07 13.58 -6.95
CA ASN A 103 -36.04 13.08 -7.92
C ASN A 103 -36.07 11.56 -7.97
N HIS A 104 -35.85 10.94 -6.80
CA HIS A 104 -35.78 9.50 -6.77
C HIS A 104 -37.10 8.85 -7.15
N GLU A 105 -38.23 9.49 -6.86
CA GLU A 105 -39.53 8.86 -7.14
C GLU A 105 -39.77 8.66 -8.59
N PRO A 106 -39.71 9.75 -9.37
CA PRO A 106 -39.87 9.62 -10.81
C PRO A 106 -38.88 8.61 -11.41
N LEU A 107 -37.62 8.65 -10.98
CA LEU A 107 -36.67 7.66 -11.46
C LEU A 107 -36.96 6.24 -11.03
N ARG A 108 -37.39 6.04 -9.79
CA ARG A 108 -37.70 4.68 -9.37
C ARG A 108 -38.80 4.09 -10.27
N GLU A 109 -39.86 4.86 -10.50
CA GLU A 109 -40.99 4.34 -11.33
C GLU A 109 -40.50 4.07 -12.73
N GLU A 110 -39.70 5.02 -13.23
CA GLU A 110 -39.08 4.83 -14.54
C GLU A 110 -38.26 3.57 -14.59
N LEU A 111 -37.42 3.32 -13.57
CA LEU A 111 -36.66 2.09 -13.64
C LEU A 111 -37.51 0.87 -13.34
N LYS A 112 -38.53 1.02 -12.48
CA LYS A 112 -39.42 -0.16 -12.30
C LYS A 112 -40.07 -0.50 -13.64
N ALA A 113 -40.60 0.54 -14.31
CA ALA A 113 -41.26 0.36 -15.61
C ALA A 113 -40.25 -0.29 -16.49
N ARG A 114 -38.98 0.05 -16.29
CA ARG A 114 -37.96 -0.57 -17.12
C ARG A 114 -37.59 -1.95 -16.68
N GLY A 115 -38.11 -2.43 -15.57
CA GLY A 115 -37.87 -3.86 -15.27
C GLY A 115 -37.00 -4.10 -14.03
N TYR A 116 -36.55 -3.04 -13.39
CA TYR A 116 -35.73 -3.25 -12.20
C TYR A 116 -36.59 -3.52 -11.00
N THR A 117 -36.04 -4.32 -10.11
CA THR A 117 -36.66 -4.55 -8.82
C THR A 117 -35.93 -3.78 -7.75
N PHE A 118 -36.66 -2.98 -6.99
CA PHE A 118 -36.05 -2.28 -5.88
C PHE A 118 -36.19 -3.12 -4.64
N VAL A 119 -35.09 -3.38 -3.95
CA VAL A 119 -35.16 -4.23 -2.74
C VAL A 119 -35.15 -3.29 -1.55
N SER A 120 -34.75 -2.06 -1.77
CA SER A 120 -34.57 -1.19 -0.61
C SER A 120 -35.55 -0.05 -0.71
N GLU A 121 -35.69 0.70 0.38
CA GLU A 121 -36.50 1.92 0.34
C GLU A 121 -35.66 3.17 0.08
N THR A 122 -34.39 3.02 -0.36
CA THR A 122 -33.54 4.21 -0.45
C THR A 122 -33.66 4.92 -1.79
N ASP A 123 -33.31 6.20 -1.81
CA ASP A 123 -33.13 6.92 -3.06
C ASP A 123 -31.86 6.40 -3.70
N THR A 124 -30.87 6.06 -2.88
CA THR A 124 -29.59 5.53 -3.37
C THR A 124 -29.70 4.43 -4.41
N GLU A 125 -30.64 3.51 -4.18
CA GLU A 125 -30.75 2.37 -5.05
C GLU A 125 -31.06 2.79 -6.48
N VAL A 126 -31.71 3.93 -6.66
CA VAL A 126 -31.98 4.36 -8.05
C VAL A 126 -30.64 4.60 -8.81
N ILE A 127 -29.62 5.07 -8.12
CA ILE A 127 -28.33 5.31 -8.81
C ILE A 127 -27.83 4.02 -9.38
N ALA A 128 -27.89 2.97 -8.57
CA ALA A 128 -27.36 1.70 -8.99
C ALA A 128 -28.09 1.17 -10.21
N HIS A 129 -29.42 1.17 -10.14
CA HIS A 129 -30.18 0.68 -11.32
C HIS A 129 -30.03 1.63 -12.54
N LEU A 130 -29.99 2.93 -12.29
CA LEU A 130 -29.82 3.85 -13.40
C LEU A 130 -28.48 3.61 -14.09
N VAL A 131 -27.40 3.48 -13.33
CA VAL A 131 -26.10 3.18 -14.02
C VAL A 131 -26.11 1.83 -14.72
N ASN A 132 -26.75 0.84 -14.13
CA ASN A 132 -26.82 -0.46 -14.72
C ASN A 132 -27.57 -0.28 -16.08
N TRP A 133 -28.66 0.49 -16.06
CA TRP A 133 -29.47 0.73 -17.27
C TRP A 133 -28.63 1.40 -18.37
N GLU A 134 -27.94 2.46 -18.00
CA GLU A 134 -27.12 3.19 -18.96
C GLU A 134 -26.03 2.34 -19.55
N LEU A 135 -25.43 1.48 -18.72
CA LEU A 135 -24.37 0.59 -19.16
C LEU A 135 -24.89 -0.41 -20.18
N LYS A 136 -26.13 -0.86 -20.01
CA LYS A 136 -26.73 -1.76 -20.98
C LYS A 136 -26.77 -1.10 -22.34
N GLN A 137 -26.93 0.21 -22.38
CA GLN A 137 -27.01 0.94 -23.64
C GLN A 137 -25.66 0.94 -24.37
N GLY A 138 -24.61 0.45 -23.72
CA GLY A 138 -23.28 0.40 -24.35
C GLY A 138 -22.28 1.38 -23.74
N GLY A 139 -21.01 1.15 -24.00
CA GLY A 139 -19.93 2.08 -23.59
C GLY A 139 -19.26 1.71 -22.27
N THR A 140 -18.34 2.55 -21.82
CA THR A 140 -17.60 2.26 -20.62
C THR A 140 -18.40 2.73 -19.40
N LEU A 141 -17.94 2.32 -18.22
CA LEU A 141 -18.56 2.81 -16.98
C LEU A 141 -18.52 4.33 -16.91
N ARG A 142 -17.40 4.94 -17.27
CA ARG A 142 -17.33 6.40 -17.29
C ARG A 142 -18.42 7.01 -18.19
N GLU A 143 -18.58 6.45 -19.39
CA GLU A 143 -19.61 6.97 -20.31
C GLU A 143 -21.00 6.82 -19.73
N ALA A 144 -21.29 5.66 -19.14
CA ALA A 144 -22.59 5.42 -18.50
C ALA A 144 -22.85 6.37 -17.39
N VAL A 145 -21.83 6.62 -16.56
CA VAL A 145 -21.99 7.57 -15.47
C VAL A 145 -22.21 8.94 -15.98
N LEU A 146 -21.48 9.30 -17.04
CA LEU A 146 -21.70 10.59 -17.66
C LEU A 146 -23.14 10.80 -18.11
N ARG A 147 -23.75 9.75 -18.62
CA ARG A 147 -25.13 9.84 -18.99
C ARG A 147 -26.09 9.81 -17.84
N ALA A 148 -25.74 9.08 -16.79
CA ALA A 148 -26.61 8.96 -15.61
C ALA A 148 -26.70 10.23 -14.76
N ILE A 149 -25.56 10.87 -14.51
CA ILE A 149 -25.51 11.94 -13.52
C ILE A 149 -26.49 13.07 -13.85
N PRO A 150 -26.58 13.47 -15.11
CA PRO A 150 -27.49 14.55 -15.49
C PRO A 150 -28.96 14.22 -15.19
N GLN A 151 -29.30 12.94 -15.11
CA GLN A 151 -30.68 12.55 -14.79
C GLN A 151 -31.00 12.72 -13.30
N LEU A 152 -29.97 12.89 -12.47
CA LEU A 152 -30.21 12.92 -11.03
C LEU A 152 -30.31 14.36 -10.62
N ARG A 153 -31.20 14.64 -9.68
CA ARG A 153 -31.27 15.96 -9.11
C ARG A 153 -31.02 15.79 -7.63
N GLY A 154 -30.25 16.70 -7.03
CA GLY A 154 -30.05 16.59 -5.59
C GLY A 154 -28.65 17.04 -5.24
N ALA A 155 -28.34 17.09 -3.97
CA ALA A 155 -27.00 17.43 -3.51
C ALA A 155 -26.43 16.09 -3.09
N TYR A 156 -25.43 15.57 -3.81
CA TYR A 156 -24.98 14.22 -3.48
C TYR A 156 -23.55 14.03 -3.99
N GLY A 157 -22.92 13.00 -3.46
CA GLY A 157 -21.61 12.52 -4.00
C GLY A 157 -21.80 11.00 -4.07
N THR A 158 -21.21 10.39 -5.07
CA THR A 158 -21.33 8.95 -5.16
C THR A 158 -20.09 8.32 -5.73
N VAL A 159 -19.83 7.06 -5.36
CA VAL A 159 -18.68 6.35 -5.93
C VAL A 159 -19.28 5.07 -6.42
N ILE A 160 -18.91 4.70 -7.61
CA ILE A 160 -19.60 3.60 -8.31
C ILE A 160 -18.55 2.60 -8.81
N MET A 161 -18.81 1.31 -8.70
CA MET A 161 -17.92 0.36 -9.35
C MET A 161 -18.72 -0.71 -10.03
N ASP A 162 -18.06 -1.38 -10.95
CA ASP A 162 -18.65 -2.47 -11.76
C ASP A 162 -17.76 -3.64 -11.45
N SER A 163 -18.30 -4.61 -10.73
CA SER A 163 -17.52 -5.74 -10.24
C SER A 163 -16.95 -6.52 -11.43
N ARG A 164 -17.53 -6.35 -12.60
CA ARG A 164 -16.98 -7.02 -13.76
C ARG A 164 -15.70 -6.39 -14.22
N HIS A 165 -15.48 -5.12 -13.87
CA HIS A 165 -14.29 -4.44 -14.36
C HIS A 165 -13.68 -3.75 -13.16
N PRO A 166 -13.07 -4.52 -12.27
CA PRO A 166 -12.61 -3.95 -10.99
C PRO A 166 -11.42 -3.01 -11.10
N ASP A 167 -11.01 -2.64 -12.31
CA ASP A 167 -9.80 -1.83 -12.44
C ASP A 167 -10.11 -0.33 -12.44
N THR A 168 -11.38 0.06 -12.25
CA THR A 168 -11.73 1.47 -12.33
C THR A 168 -12.83 1.77 -11.29
N LEU A 169 -12.76 2.93 -10.66
CA LEU A 169 -13.89 3.43 -9.83
C LEU A 169 -14.34 4.72 -10.48
N LEU A 170 -15.64 5.01 -10.44
CA LEU A 170 -16.15 6.25 -10.98
C LEU A 170 -16.69 7.01 -9.78
N ALA A 171 -16.52 8.31 -9.77
CA ALA A 171 -17.02 9.10 -8.62
C ALA A 171 -17.59 10.37 -9.20
N ALA A 172 -18.65 10.89 -8.61
CA ALA A 172 -19.24 12.11 -9.10
C ALA A 172 -19.55 13.00 -7.89
N ARG A 173 -19.13 14.25 -7.96
CA ARG A 173 -19.34 15.19 -6.87
C ARG A 173 -20.41 16.16 -7.35
N SER A 174 -21.57 16.16 -6.69
CA SER A 174 -22.66 17.00 -7.17
C SER A 174 -23.39 17.55 -5.95
N GLY A 175 -22.65 18.25 -5.10
CA GLY A 175 -23.20 18.98 -3.95
C GLY A 175 -22.80 18.38 -2.63
N SER A 176 -21.93 17.36 -2.67
CA SER A 176 -21.42 16.80 -1.42
C SER A 176 -19.96 16.42 -1.67
N PRO A 177 -19.09 16.66 -0.68
CA PRO A 177 -17.64 16.62 -0.91
C PRO A 177 -17.08 15.24 -1.22
N LEU A 178 -16.07 15.21 -2.08
CA LEU A 178 -15.30 13.99 -2.32
C LEU A 178 -13.89 14.41 -2.58
N VAL A 179 -12.94 13.63 -2.08
CA VAL A 179 -11.53 14.01 -2.29
C VAL A 179 -10.82 12.74 -2.66
N ILE A 180 -9.91 12.83 -3.62
CA ILE A 180 -9.12 11.67 -4.05
C ILE A 180 -7.81 11.73 -3.28
N GLY A 181 -7.35 10.57 -2.83
CA GLY A 181 -6.06 10.41 -2.21
C GLY A 181 -5.15 9.68 -3.14
N LEU A 182 -3.99 10.26 -3.40
CA LEU A 182 -3.06 9.70 -4.37
C LEU A 182 -2.05 8.81 -3.71
N GLY A 183 -1.99 7.55 -4.11
CA GLY A 183 -1.00 6.67 -3.51
C GLY A 183 0.04 6.28 -4.53
N MET A 184 0.87 5.26 -4.21
CA MET A 184 1.88 4.86 -5.18
C MET A 184 1.41 3.56 -5.79
N GLY A 185 0.95 3.61 -7.02
CA GLY A 185 0.35 2.46 -7.64
C GLY A 185 -0.99 2.08 -7.01
N GLU A 186 -1.61 3.03 -6.30
CA GLU A 186 -2.98 2.85 -5.79
C GLU A 186 -3.56 4.21 -5.57
N ASN A 187 -4.88 4.29 -5.55
CA ASN A 187 -5.52 5.57 -5.32
C ASN A 187 -6.72 5.39 -4.44
N PHE A 188 -7.22 6.47 -3.83
CA PHE A 188 -8.29 6.27 -2.86
C PHE A 188 -9.26 7.42 -3.07
N ILE A 189 -10.41 7.30 -2.44
CA ILE A 189 -11.39 8.39 -2.51
C ILE A 189 -12.11 8.38 -1.18
N ALA A 190 -12.54 9.56 -0.71
CA ALA A 190 -13.33 9.57 0.53
C ALA A 190 -14.13 10.85 0.54
N SER A 191 -15.12 10.91 1.41
CA SER A 191 -15.89 12.12 1.56
C SER A 191 -15.14 13.08 2.48
N ASP A 192 -14.06 12.61 3.13
CA ASP A 192 -13.34 13.45 4.10
C ASP A 192 -11.88 13.02 4.11
N GLN A 193 -10.97 13.93 3.89
CA GLN A 193 -9.55 13.57 3.85
C GLN A 193 -9.12 12.84 5.12
N LEU A 194 -9.85 13.03 6.23
CA LEU A 194 -9.43 12.43 7.51
C LEU A 194 -9.36 10.91 7.38
N ALA A 195 -10.25 10.38 6.53
CA ALA A 195 -10.36 8.94 6.33
C ALA A 195 -9.09 8.37 5.74
N LEU A 196 -8.35 9.17 4.98
CA LEU A 196 -7.29 8.62 4.13
C LEU A 196 -5.87 8.89 4.67
N LEU A 197 -5.78 9.66 5.74
CA LEU A 197 -4.46 10.06 6.22
C LEU A 197 -3.54 8.88 6.53
N PRO A 198 -4.05 7.74 7.00
CA PRO A 198 -3.17 6.58 7.26
C PRO A 198 -2.41 6.08 6.01
N VAL A 199 -2.93 6.37 4.81
CA VAL A 199 -2.31 5.78 3.62
C VAL A 199 -1.75 6.80 2.63
N THR A 200 -2.19 8.05 2.71
CA THR A 200 -1.59 9.07 1.86
C THR A 200 -1.79 10.44 2.46
N ARG A 201 -0.96 11.39 2.04
CA ARG A 201 -1.14 12.78 2.44
C ARG A 201 -1.31 13.71 1.23
N ARG A 202 -1.53 13.15 0.06
CA ARG A 202 -1.57 13.98 -1.14
C ARG A 202 -2.97 13.84 -1.68
N PHE A 203 -3.64 14.94 -1.93
CA PHE A 203 -5.06 14.89 -2.24
C PHE A 203 -5.41 15.74 -3.45
N ILE A 204 -6.48 15.36 -4.11
CA ILE A 204 -7.12 16.20 -5.13
C ILE A 204 -8.55 16.35 -4.69
N PHE A 205 -8.98 17.58 -4.46
CA PHE A 205 -10.37 17.79 -4.14
C PHE A 205 -11.15 17.77 -5.44
N LEU A 206 -12.25 17.03 -5.47
CA LEU A 206 -13.07 17.17 -6.66
C LEU A 206 -13.87 18.48 -6.50
N GLU A 207 -14.18 19.10 -7.62
CA GLU A 207 -14.95 20.36 -7.58
C GLU A 207 -16.36 20.01 -7.95
N GLU A 208 -17.28 20.94 -7.69
CA GLU A 208 -18.66 20.67 -8.02
C GLU A 208 -18.83 20.32 -9.50
N GLY A 209 -19.48 19.19 -9.79
CA GLY A 209 -19.82 18.78 -11.14
C GLY A 209 -18.77 17.85 -11.73
N ASP A 210 -17.69 17.61 -10.99
CA ASP A 210 -16.61 16.75 -11.47
C ASP A 210 -17.04 15.31 -11.46
N ILE A 211 -16.61 14.60 -12.49
CA ILE A 211 -16.79 13.16 -12.51
C ILE A 211 -15.38 12.58 -12.67
N ALA A 212 -14.96 11.73 -11.74
CA ALA A 212 -13.58 11.23 -11.80
C ALA A 212 -13.54 9.78 -12.12
N GLU A 213 -12.66 9.38 -13.04
CA GLU A 213 -12.42 7.97 -13.27
C GLU A 213 -11.06 7.67 -12.62
N ILE A 214 -11.05 6.72 -11.70
CA ILE A 214 -9.87 6.47 -10.88
C ILE A 214 -9.45 5.05 -11.14
N THR A 215 -8.19 4.86 -11.51
CA THR A 215 -7.62 3.54 -11.53
C THR A 215 -6.46 3.52 -10.56
N ARG A 216 -5.79 2.36 -10.46
CA ARG A 216 -4.61 2.25 -9.57
C ARG A 216 -3.54 3.19 -10.02
N ARG A 217 -3.53 3.58 -11.30
CA ARG A 217 -2.39 4.32 -11.83
C ARG A 217 -2.73 5.70 -12.33
N SER A 218 -4.00 6.04 -12.41
CA SER A 218 -4.29 7.35 -13.02
C SER A 218 -5.58 7.89 -12.43
N VAL A 219 -5.73 9.22 -12.48
CA VAL A 219 -6.98 9.85 -12.07
C VAL A 219 -7.35 10.74 -13.23
N ASN A 220 -8.52 10.56 -13.82
CA ASN A 220 -8.89 11.40 -14.95
C ASN A 220 -10.20 12.04 -14.55
N ILE A 221 -10.26 13.37 -14.62
CA ILE A 221 -11.43 14.06 -14.12
C ILE A 221 -12.06 14.77 -15.28
N PHE A 222 -13.40 14.74 -15.30
CA PHE A 222 -14.17 15.27 -16.40
C PHE A 222 -15.31 16.09 -15.85
N ASP A 223 -15.83 17.02 -16.66
CA ASP A 223 -17.13 17.60 -16.36
C ASP A 223 -18.26 16.88 -17.05
N LYS A 224 -19.47 17.40 -16.89
CA LYS A 224 -20.64 16.66 -17.42
C LYS A 224 -20.80 16.62 -18.93
N THR A 225 -20.08 17.48 -19.66
CA THR A 225 -20.15 17.42 -21.10
C THR A 225 -19.06 16.47 -21.56
N GLY A 226 -18.33 15.94 -20.58
CA GLY A 226 -17.29 14.98 -20.86
C GLY A 226 -15.94 15.60 -21.18
N ALA A 227 -15.78 16.89 -20.97
CA ALA A 227 -14.49 17.55 -21.13
C ALA A 227 -13.53 17.18 -19.99
N GLU A 228 -12.27 16.98 -20.30
CA GLU A 228 -11.29 16.61 -19.32
C GLU A 228 -10.95 17.91 -18.64
N VAL A 229 -10.82 17.86 -17.32
CA VAL A 229 -10.43 19.02 -16.53
C VAL A 229 -9.18 18.69 -15.73
N LYS A 230 -8.42 19.69 -15.34
CA LYS A 230 -7.17 19.44 -14.62
C LYS A 230 -7.39 19.97 -13.23
N ARG A 231 -7.13 19.14 -12.23
CA ARG A 231 -7.32 19.53 -10.87
C ARG A 231 -5.98 19.38 -10.17
N GLN A 232 -5.68 20.27 -9.22
CA GLN A 232 -4.35 20.31 -8.61
C GLN A 232 -4.29 19.40 -7.40
N ASP A 233 -3.17 18.73 -7.22
CA ASP A 233 -3.01 17.89 -6.03
C ASP A 233 -2.30 18.71 -4.97
N ILE A 234 -2.69 18.50 -3.72
CA ILE A 234 -2.25 19.30 -2.58
C ILE A 234 -1.68 18.31 -1.56
N GLU A 235 -0.66 18.70 -0.83
CA GLU A 235 -0.21 17.84 0.24
C GLU A 235 -0.87 18.35 1.52
N SER A 236 -1.42 17.47 2.35
CA SER A 236 -2.13 17.97 3.52
C SER A 236 -2.08 17.02 4.71
N ASN A 237 -1.09 17.25 5.56
CA ASN A 237 -0.95 16.55 6.83
C ASN A 237 -1.76 17.26 7.91
N LEU A 238 -2.77 16.58 8.44
CA LEU A 238 -3.61 17.16 9.49
C LEU A 238 -3.02 16.85 10.85
N CYS B 1 25.35 3.27 1.31
CA CYS B 1 24.94 4.68 1.55
C CYS B 1 23.44 4.89 1.85
N GLY B 2 22.57 4.45 0.94
CA GLY B 2 21.12 4.53 1.20
C GLY B 2 20.57 3.10 1.28
N ILE B 3 19.71 2.82 2.28
CA ILE B 3 18.98 1.53 2.33
C ILE B 3 17.50 1.81 2.34
N VAL B 4 16.75 1.00 1.61
CA VAL B 4 15.30 1.02 1.73
C VAL B 4 14.87 -0.45 1.66
N GLY B 5 13.86 -0.81 2.42
CA GLY B 5 13.34 -2.18 2.31
C GLY B 5 11.87 -2.16 2.59
N ALA B 6 11.16 -3.21 2.22
CA ALA B 6 9.71 -3.10 2.38
C ALA B 6 9.22 -4.51 2.49
N ILE B 7 8.16 -4.70 3.23
CA ILE B 7 7.50 -6.00 3.25
C ILE B 7 6.00 -5.76 3.24
N ALA B 8 5.37 -6.19 2.16
CA ALA B 8 4.04 -5.67 1.90
C ALA B 8 3.29 -6.79 1.21
N GLN B 9 2.02 -6.57 0.98
CA GLN B 9 1.27 -7.47 0.11
C GLN B 9 1.45 -7.05 -1.37
N ARG B 10 1.42 -5.76 -1.62
CA ARG B 10 1.60 -5.21 -2.95
C ARG B 10 3.03 -5.28 -3.44
N ASP B 11 3.21 -5.21 -4.75
CA ASP B 11 4.58 -5.20 -5.27
C ASP B 11 5.33 -4.01 -4.73
N VAL B 12 6.57 -4.21 -4.29
CA VAL B 12 7.28 -3.04 -3.67
C VAL B 12 8.40 -2.41 -4.50
N ALA B 13 8.66 -2.93 -5.68
CA ALA B 13 9.82 -2.44 -6.44
C ALA B 13 9.72 -0.94 -6.67
N GLU B 14 8.54 -0.44 -7.01
CA GLU B 14 8.44 0.97 -7.32
C GLU B 14 8.65 1.80 -6.07
N ILE B 15 8.19 1.27 -4.95
CA ILE B 15 8.40 1.99 -3.68
C ILE B 15 9.91 2.00 -3.36
N LEU B 16 10.59 0.88 -3.60
CA LEU B 16 12.05 0.85 -3.30
C LEU B 16 12.79 1.84 -4.20
N LEU B 17 12.40 1.88 -5.46
CA LEU B 17 13.09 2.77 -6.40
C LEU B 17 12.84 4.21 -6.04
N GLU B 18 11.63 4.52 -5.62
CA GLU B 18 11.36 5.93 -5.25
C GLU B 18 12.15 6.28 -3.99
N GLY B 19 12.22 5.33 -3.06
CA GLY B 19 13.03 5.58 -1.88
C GLY B 19 14.48 5.82 -2.24
N LEU B 20 15.02 5.07 -3.19
CA LEU B 20 16.43 5.26 -3.55
C LEU B 20 16.55 6.65 -4.20
N ARG B 21 15.57 7.06 -5.01
CA ARG B 21 15.66 8.40 -5.65
C ARG B 21 15.79 9.47 -4.58
N ARG B 22 15.12 9.24 -3.46
CA ARG B 22 15.13 10.17 -2.35
C ARG B 22 16.41 10.16 -1.55
N LEU B 23 17.24 9.14 -1.76
CA LEU B 23 18.48 8.98 -1.01
C LEU B 23 19.67 9.39 -1.87
N GLU B 24 19.44 9.72 -3.14
CA GLU B 24 20.56 9.99 -4.09
C GLU B 24 21.37 11.20 -3.67
N TYR B 25 20.66 12.27 -3.32
CA TYR B 25 21.32 13.53 -3.00
C TYR B 25 22.60 13.23 -2.23
N ARG B 26 22.58 12.20 -1.37
CA ARG B 26 23.76 11.82 -0.58
C ARG B 26 24.95 11.47 -1.44
N GLY B 27 24.69 11.03 -2.66
CA GLY B 27 25.78 10.61 -3.52
C GLY B 27 26.19 9.16 -3.44
N TYR B 28 26.77 8.65 -4.53
CA TYR B 28 26.92 7.19 -4.70
C TYR B 28 27.44 6.78 -6.09
N ASP B 29 27.93 5.55 -6.20
CA ASP B 29 28.46 5.07 -7.46
C ASP B 29 27.62 3.97 -8.05
N SER B 30 26.76 3.33 -7.26
CA SER B 30 25.99 2.26 -7.85
C SER B 30 24.76 1.98 -7.00
N ALA B 31 23.91 1.10 -7.48
CA ALA B 31 22.63 0.90 -6.77
C ALA B 31 22.06 -0.43 -7.18
N GLY B 32 21.17 -1.01 -6.36
CA GLY B 32 20.66 -2.33 -6.67
C GLY B 32 19.42 -2.59 -5.84
N LEU B 33 18.67 -3.58 -6.25
CA LEU B 33 17.52 -3.97 -5.44
C LEU B 33 17.27 -5.45 -5.66
N ALA B 34 16.55 -6.05 -4.72
CA ALA B 34 16.19 -7.46 -4.91
C ALA B 34 14.81 -7.52 -4.33
N VAL B 35 13.92 -8.23 -5.01
CA VAL B 35 12.58 -8.41 -4.50
C VAL B 35 12.31 -9.89 -4.58
N VAL B 36 11.45 -10.36 -3.66
CA VAL B 36 11.11 -11.77 -3.59
C VAL B 36 9.60 -11.88 -3.58
N ASP B 37 9.05 -12.79 -4.38
CA ASP B 37 7.60 -12.94 -4.36
C ASP B 37 7.20 -13.97 -3.35
N ALA B 38 5.90 -14.24 -3.23
CA ALA B 38 5.41 -15.11 -2.14
C ALA B 38 5.91 -16.54 -2.26
N GLU B 39 6.32 -16.94 -3.45
CA GLU B 39 6.82 -18.29 -3.68
C GLU B 39 8.31 -18.39 -3.54
N GLY B 40 8.97 -17.32 -3.12
CA GLY B 40 10.38 -17.42 -2.93
C GLY B 40 11.21 -17.20 -4.17
N HIS B 41 10.61 -16.62 -5.21
CA HIS B 41 11.34 -16.34 -6.38
C HIS B 41 11.97 -14.96 -6.23
N MET B 42 13.28 -14.90 -6.32
CA MET B 42 14.01 -13.66 -6.08
C MET B 42 14.49 -13.10 -7.40
N THR B 43 14.30 -11.81 -7.59
CA THR B 43 14.89 -11.09 -8.72
C THR B 43 15.79 -10.01 -8.19
N ARG B 44 17.04 -9.98 -8.65
CA ARG B 44 18.01 -9.01 -8.17
C ARG B 44 18.50 -8.26 -9.39
N LEU B 45 18.59 -6.94 -9.28
CA LEU B 45 19.06 -6.14 -10.38
C LEU B 45 20.02 -5.16 -9.79
N ARG B 46 21.24 -5.04 -10.32
CA ARG B 46 22.16 -4.04 -9.85
C ARG B 46 22.80 -3.31 -11.03
N ARG B 47 23.23 -2.08 -10.78
CA ARG B 47 23.90 -1.33 -11.85
C ARG B 47 25.00 -0.52 -11.27
N LEU B 48 26.15 -0.54 -11.95
CA LEU B 48 27.08 0.52 -11.75
C LEU B 48 26.47 1.74 -12.41
N GLY B 49 26.34 2.83 -11.64
CA GLY B 49 25.74 3.99 -12.25
C GLY B 49 24.64 4.52 -11.35
N LYS B 50 23.74 5.29 -11.92
CA LYS B 50 22.77 6.08 -11.16
C LYS B 50 21.46 5.28 -10.98
N VAL B 51 20.65 5.68 -10.02
CA VAL B 51 19.39 5.00 -9.81
C VAL B 51 18.55 5.04 -11.08
N GLN B 52 18.65 6.14 -11.84
CA GLN B 52 17.85 6.20 -13.05
C GLN B 52 18.13 5.05 -14.01
N MET B 53 19.40 4.64 -14.11
CA MET B 53 19.79 3.46 -14.90
C MET B 53 19.20 2.16 -14.38
N LEU B 54 19.20 2.04 -13.07
CA LEU B 54 18.61 0.91 -12.42
C LEU B 54 17.11 0.91 -12.70
N ALA B 55 16.50 2.10 -12.61
CA ALA B 55 15.05 2.23 -12.82
C ALA B 55 14.67 1.85 -14.25
N GLN B 56 15.50 2.23 -15.19
CA GLN B 56 15.26 1.90 -16.58
C GLN B 56 15.41 0.40 -16.83
N ALA B 57 16.39 -0.20 -16.19
CA ALA B 57 16.55 -1.64 -16.27
C ALA B 57 15.36 -2.34 -15.66
N ALA B 58 14.84 -1.80 -14.55
CA ALA B 58 13.70 -2.43 -13.88
C ALA B 58 12.48 -2.38 -14.77
N GLU B 59 12.38 -1.35 -15.61
CA GLU B 59 11.19 -1.19 -16.46
C GLU B 59 11.02 -2.32 -17.44
N GLU B 60 12.12 -2.98 -17.79
CA GLU B 60 12.02 -4.11 -18.71
C GLU B 60 12.03 -5.47 -17.98
N HIS B 61 11.70 -5.46 -16.69
CA HIS B 61 11.82 -6.64 -15.84
C HIS B 61 10.68 -6.76 -14.85
N PRO B 62 9.58 -6.05 -15.07
CA PRO B 62 8.63 -5.86 -14.00
C PRO B 62 8.86 -6.89 -12.86
N LEU B 63 9.61 -6.44 -11.86
CA LEU B 63 9.96 -7.22 -10.69
C LEU B 63 8.74 -7.38 -9.77
N HIS B 64 8.20 -8.58 -9.69
CA HIS B 64 7.08 -8.75 -8.81
C HIS B 64 7.51 -9.30 -7.48
N GLY B 65 6.79 -8.92 -6.44
CA GLY B 65 7.06 -9.50 -5.17
C GLY B 65 6.88 -8.40 -4.12
N GLY B 66 6.42 -8.81 -2.97
CA GLY B 66 6.08 -7.87 -1.91
C GLY B 66 7.15 -7.74 -0.87
N THR B 67 8.27 -8.45 -1.02
CA THR B 67 9.38 -8.26 -0.02
C THR B 67 10.60 -7.81 -0.75
N GLY B 68 11.30 -6.75 -0.29
CA GLY B 68 12.46 -6.35 -1.08
C GLY B 68 13.37 -5.44 -0.30
N ILE B 69 14.60 -5.31 -0.79
CA ILE B 69 15.55 -4.40 -0.18
C ILE B 69 16.32 -3.76 -1.33
N ALA B 70 16.84 -2.57 -1.10
CA ALA B 70 17.46 -1.82 -2.18
C ALA B 70 18.53 -0.98 -1.56
N HIS B 71 19.47 -0.52 -2.36
CA HIS B 71 20.62 0.14 -1.75
C HIS B 71 21.26 1.05 -2.78
N THR B 72 21.75 2.20 -2.34
CA THR B 72 22.72 2.93 -3.15
C THR B 72 24.02 2.83 -2.40
N ARG B 73 25.07 2.63 -3.17
CA ARG B 73 26.38 2.31 -2.59
C ARG B 73 27.34 3.49 -2.81
N TRP B 74 28.07 3.85 -1.76
CA TRP B 74 29.26 4.69 -1.88
C TRP B 74 30.45 3.80 -1.47
N ALA B 75 31.17 3.25 -2.47
CA ALA B 75 32.14 2.17 -2.24
C ALA B 75 33.17 2.52 -1.20
N THR B 76 33.44 1.58 -0.28
CA THR B 76 34.60 1.66 0.59
C THR B 76 35.50 0.45 0.38
N HIS B 77 34.93 -0.74 0.19
CA HIS B 77 35.67 -1.95 0.06
C HIS B 77 35.37 -2.58 -1.28
N GLY B 78 36.29 -2.48 -2.22
CA GLY B 78 36.03 -3.02 -3.54
C GLY B 78 35.62 -1.88 -4.45
N GLU B 79 36.16 -1.84 -5.66
CA GLU B 79 35.89 -0.72 -6.57
C GLU B 79 34.42 -0.73 -6.95
N PRO B 80 33.88 0.42 -7.30
CA PRO B 80 32.54 0.42 -7.90
C PRO B 80 32.46 -0.49 -9.13
N SER B 81 31.55 -1.44 -9.11
CA SER B 81 31.33 -2.32 -10.22
C SER B 81 30.01 -2.96 -9.93
N GLU B 82 29.38 -3.54 -10.94
CA GLU B 82 28.15 -4.24 -10.67
C GLU B 82 28.35 -5.42 -9.70
N VAL B 83 29.49 -6.10 -9.81
CA VAL B 83 29.69 -7.27 -8.96
C VAL B 83 29.70 -6.89 -7.50
N ASN B 84 30.20 -5.69 -7.22
CA ASN B 84 30.37 -5.24 -5.84
C ASN B 84 29.15 -4.48 -5.30
N ALA B 85 28.26 -4.11 -6.19
CA ALA B 85 27.02 -3.43 -5.76
C ALA B 85 26.16 -4.33 -4.84
N HIS B 86 25.35 -3.71 -3.98
CA HIS B 86 24.43 -4.48 -3.15
C HIS B 86 23.16 -4.69 -3.98
N PRO B 87 22.16 -5.38 -3.48
CA PRO B 87 22.29 -6.55 -2.60
C PRO B 87 23.33 -7.62 -2.89
N HIS B 88 23.98 -8.07 -1.83
CA HIS B 88 24.84 -9.25 -1.92
C HIS B 88 24.09 -10.47 -1.49
N VAL B 89 24.49 -11.64 -2.01
CA VAL B 89 23.71 -12.82 -1.79
C VAL B 89 24.58 -13.95 -1.24
N SER B 90 23.93 -14.90 -0.58
CA SER B 90 24.64 -16.12 -0.22
C SER B 90 23.55 -17.14 -0.28
N GLU B 91 23.36 -17.68 -1.48
CA GLU B 91 22.21 -18.49 -1.86
C GLU B 91 20.94 -17.69 -1.58
N HIS B 92 20.14 -18.13 -0.62
CA HIS B 92 18.85 -17.51 -0.34
C HIS B 92 18.97 -16.26 0.56
N ILE B 93 20.14 -16.04 1.12
CA ILE B 93 20.33 -14.88 2.04
C ILE B 93 20.70 -13.65 1.22
N VAL B 94 19.98 -12.53 1.41
CA VAL B 94 20.22 -11.36 0.57
C VAL B 94 20.40 -10.21 1.54
N VAL B 95 21.41 -9.38 1.32
CA VAL B 95 21.76 -8.32 2.28
C VAL B 95 22.05 -7.02 1.65
N VAL B 96 21.65 -5.93 2.32
CA VAL B 96 22.14 -4.61 1.93
C VAL B 96 22.80 -4.07 3.18
N HIS B 97 23.79 -3.24 2.99
CA HIS B 97 24.58 -2.85 4.16
C HIS B 97 25.11 -1.44 4.04
N ASN B 98 24.98 -0.65 5.11
CA ASN B 98 25.65 0.65 5.16
C ASN B 98 26.75 0.60 6.19
N GLY B 99 27.87 1.24 5.92
CA GLY B 99 28.99 1.21 6.89
C GLY B 99 30.06 0.21 6.53
N ILE B 100 30.81 -0.24 7.53
CA ILE B 100 31.97 -1.03 7.27
C ILE B 100 32.06 -2.17 8.24
N ILE B 101 32.35 -3.37 7.76
CA ILE B 101 32.58 -4.47 8.69
C ILE B 101 34.13 -4.48 8.88
N GLU B 102 34.59 -3.94 10.00
CA GLU B 102 36.04 -3.75 10.27
C GLU B 102 36.83 -5.04 10.23
N ASN B 103 36.20 -6.11 10.68
CA ASN B 103 36.89 -7.39 10.73
C ASN B 103 36.54 -8.30 9.63
N HIS B 104 36.32 -7.77 8.43
CA HIS B 104 35.88 -8.63 7.32
C HIS B 104 36.92 -9.69 6.87
N GLU B 105 38.20 -9.40 7.08
CA GLU B 105 39.29 -10.29 6.61
C GLU B 105 39.29 -11.66 7.24
N PRO B 106 39.44 -11.66 8.56
CA PRO B 106 39.39 -12.88 9.37
C PRO B 106 38.10 -13.62 9.17
N LEU B 107 36.99 -12.87 9.05
CA LEU B 107 35.70 -13.49 8.79
C LEU B 107 35.65 -14.13 7.41
N ARG B 108 36.16 -13.39 6.42
CA ARG B 108 36.14 -13.90 5.05
C ARG B 108 36.92 -15.23 4.96
N GLU B 109 38.08 -15.23 5.62
CA GLU B 109 38.87 -16.48 5.79
C GLU B 109 38.11 -17.66 6.41
N GLU B 110 37.35 -17.42 7.49
CA GLU B 110 36.56 -18.52 8.07
C GLU B 110 35.59 -19.05 7.11
N LEU B 111 34.87 -18.12 6.45
CA LEU B 111 33.81 -18.57 5.64
C LEU B 111 34.40 -19.31 4.47
N LYS B 112 35.56 -18.84 3.99
CA LYS B 112 36.24 -19.58 2.89
C LYS B 112 36.55 -21.04 3.30
N ALA B 113 37.07 -21.23 4.50
CA ALA B 113 37.23 -22.58 5.09
C ALA B 113 35.92 -23.35 5.19
N ARG B 114 34.80 -22.65 5.42
CA ARG B 114 33.53 -23.34 5.56
C ARG B 114 32.98 -23.70 4.20
N GLY B 115 33.66 -23.24 3.17
CA GLY B 115 33.29 -23.64 1.82
C GLY B 115 32.57 -22.58 1.00
N TYR B 116 32.61 -21.35 1.46
CA TYR B 116 31.96 -20.22 0.78
C TYR B 116 32.89 -19.53 -0.21
N THR B 117 32.39 -19.29 -1.41
CA THR B 117 33.13 -18.55 -2.43
C THR B 117 32.72 -17.09 -2.34
N PHE B 118 33.68 -16.20 -2.15
CA PHE B 118 33.39 -14.81 -2.28
C PHE B 118 33.47 -14.42 -3.75
N VAL B 119 32.41 -13.81 -4.25
CA VAL B 119 32.43 -13.31 -5.62
C VAL B 119 32.78 -11.82 -5.68
N SER B 120 32.63 -11.11 -4.57
CA SER B 120 32.96 -9.70 -4.57
C SER B 120 34.16 -9.32 -3.72
N GLU B 121 34.60 -8.08 -3.84
CA GLU B 121 35.67 -7.57 -2.96
C GLU B 121 35.11 -6.80 -1.76
N THR B 122 33.80 -6.92 -1.46
CA THR B 122 33.26 -6.07 -0.41
C THR B 122 33.39 -6.73 0.97
N ASP B 123 33.42 -5.91 2.01
CA ASP B 123 33.23 -6.39 3.37
C ASP B 123 31.78 -6.89 3.52
N THR B 124 30.86 -6.21 2.86
CA THR B 124 29.45 -6.65 2.90
C THR B 124 29.16 -8.12 2.66
N GLU B 125 29.88 -8.75 1.74
CA GLU B 125 29.54 -10.10 1.31
C GLU B 125 29.75 -11.05 2.50
N VAL B 126 30.60 -10.64 3.42
CA VAL B 126 30.82 -11.46 4.62
C VAL B 126 29.54 -11.56 5.45
N ILE B 127 28.75 -10.49 5.50
CA ILE B 127 27.45 -10.59 6.20
C ILE B 127 26.58 -11.68 5.65
N ALA B 128 26.48 -11.76 4.32
CA ALA B 128 25.58 -12.68 3.69
C ALA B 128 26.01 -14.08 4.00
N HIS B 129 27.29 -14.35 3.79
CA HIS B 129 27.74 -15.76 3.97
C HIS B 129 27.66 -16.23 5.44
N LEU B 130 27.97 -15.32 6.31
CA LEU B 130 27.91 -15.59 7.72
C LEU B 130 26.49 -15.83 8.19
N VAL B 131 25.52 -15.05 7.73
CA VAL B 131 24.15 -15.38 8.10
C VAL B 131 23.74 -16.70 7.49
N ASN B 132 24.18 -16.98 6.28
CA ASN B 132 23.89 -18.24 5.65
C ASN B 132 24.49 -19.33 6.61
N TRP B 133 25.72 -19.09 7.07
CA TRP B 133 26.42 -20.06 7.91
C TRP B 133 25.63 -20.32 9.20
N GLU B 134 25.33 -19.26 9.93
CA GLU B 134 24.51 -19.35 11.17
C GLU B 134 23.19 -20.05 10.96
N LEU B 135 22.54 -19.74 9.85
CA LEU B 135 21.24 -20.30 9.63
C LEU B 135 21.32 -21.83 9.46
N LYS B 136 22.41 -22.29 8.85
CA LYS B 136 22.67 -23.73 8.70
C LYS B 136 22.78 -24.43 10.05
N GLN B 137 23.20 -23.69 11.08
CA GLN B 137 23.29 -24.24 12.45
C GLN B 137 21.94 -24.42 13.12
N GLY B 138 20.86 -24.04 12.43
CA GLY B 138 19.50 -24.22 12.92
C GLY B 138 18.85 -22.92 13.37
N GLY B 139 17.53 -22.92 13.45
CA GLY B 139 16.80 -21.76 14.02
C GLY B 139 16.17 -20.83 12.99
N THR B 140 15.51 -19.77 13.45
CA THR B 140 14.86 -18.85 12.52
C THR B 140 15.91 -17.87 12.00
N LEU B 141 15.52 -17.05 11.01
CA LEU B 141 16.44 -15.97 10.56
C LEU B 141 16.79 -15.03 11.70
N ARG B 142 15.81 -14.71 12.54
CA ARG B 142 16.10 -13.86 13.69
C ARG B 142 17.22 -14.43 14.60
N GLU B 143 17.11 -15.72 14.92
CA GLU B 143 18.09 -16.37 15.80
C GLU B 143 19.42 -16.36 15.11
N ALA B 144 19.43 -16.69 13.81
CA ALA B 144 20.72 -16.69 13.08
C ALA B 144 21.38 -15.31 13.11
N VAL B 145 20.58 -14.28 12.88
CA VAL B 145 21.07 -12.91 12.90
C VAL B 145 21.53 -12.47 14.29
N LEU B 146 20.81 -12.90 15.33
CA LEU B 146 21.32 -12.66 16.69
C LEU B 146 22.68 -13.31 16.94
N ARG B 147 22.92 -14.48 16.34
CA ARG B 147 24.26 -15.05 16.50
C ARG B 147 25.32 -14.37 15.67
N ALA B 148 24.92 -13.96 14.47
CA ALA B 148 25.84 -13.31 13.52
C ALA B 148 26.33 -11.95 13.98
N ILE B 149 25.41 -11.14 14.47
CA ILE B 149 25.74 -9.76 14.71
C ILE B 149 26.95 -9.53 15.64
N PRO B 150 27.04 -10.22 16.77
CA PRO B 150 28.15 -10.03 17.68
C PRO B 150 29.49 -10.40 17.04
N GLN B 151 29.47 -11.24 16.00
CA GLN B 151 30.73 -11.58 15.34
C GLN B 151 31.20 -10.42 14.48
N LEU B 152 30.29 -9.50 14.16
CA LEU B 152 30.65 -8.40 13.28
C LEU B 152 31.17 -7.23 14.08
N ARG B 153 32.25 -6.63 13.60
CA ARG B 153 32.77 -5.43 14.24
C ARG B 153 32.69 -4.31 13.24
N GLY B 154 32.39 -3.10 13.69
CA GLY B 154 32.39 -1.94 12.81
C GLY B 154 31.18 -1.06 13.04
N ALA B 155 31.02 -0.02 12.23
CA ALA B 155 29.88 0.88 12.35
C ALA B 155 29.01 0.63 11.14
N TYR B 156 27.86 -0.05 11.31
CA TYR B 156 27.08 -0.51 10.13
C TYR B 156 25.59 -0.62 10.47
N GLY B 157 24.78 -0.72 9.42
CA GLY B 157 23.30 -0.87 9.49
C GLY B 157 23.11 -1.91 8.39
N THR B 158 22.29 -2.90 8.62
CA THR B 158 22.09 -3.89 7.58
C THR B 158 20.69 -4.40 7.60
N VAL B 159 20.16 -4.77 6.43
CA VAL B 159 18.81 -5.39 6.36
C VAL B 159 19.02 -6.69 5.62
N ILE B 160 18.45 -7.75 6.13
CA ILE B 160 18.75 -9.09 5.62
C ILE B 160 17.45 -9.78 5.30
N MET B 161 17.42 -10.55 4.24
CA MET B 161 16.27 -11.35 4.03
C MET B 161 16.68 -12.74 3.57
N ASP B 162 15.73 -13.65 3.74
CA ASP B 162 15.92 -15.07 3.28
C ASP B 162 14.84 -15.27 2.26
N SER B 163 15.23 -15.43 1.00
CA SER B 163 14.29 -15.49 -0.09
C SER B 163 13.37 -16.69 0.06
N ARG B 164 13.79 -17.67 0.85
CA ARG B 164 12.97 -18.83 1.08
C ARG B 164 11.84 -18.57 2.02
N HIS B 165 11.98 -17.52 2.83
CA HIS B 165 10.94 -17.15 3.79
C HIS B 165 10.74 -15.63 3.68
N PRO B 166 10.03 -15.19 2.64
CA PRO B 166 9.95 -13.78 2.31
C PRO B 166 8.96 -13.07 3.24
N ASP B 167 8.57 -13.69 4.35
CA ASP B 167 7.59 -13.05 5.22
C ASP B 167 8.25 -12.24 6.33
N THR B 168 9.58 -12.20 6.39
CA THR B 168 10.26 -11.50 7.47
C THR B 168 11.49 -10.82 6.92
N LEU B 169 11.77 -9.62 7.43
CA LEU B 169 13.04 -8.94 7.20
C LEU B 169 13.71 -8.79 8.53
N LEU B 170 15.03 -8.92 8.56
CA LEU B 170 15.75 -8.69 9.80
C LEU B 170 16.58 -7.48 9.56
N ALA B 171 16.74 -6.64 10.58
CA ALA B 171 17.55 -5.42 10.40
C ALA B 171 18.34 -5.22 11.67
N ALA B 172 19.54 -4.70 11.55
CA ALA B 172 20.32 -4.45 12.74
C ALA B 172 21.00 -3.12 12.60
N ARG B 173 20.91 -2.32 13.65
CA ARG B 173 21.54 -0.97 13.65
C ARG B 173 22.72 -1.05 14.60
N SER B 174 23.91 -0.75 14.09
CA SER B 174 25.09 -0.98 14.90
C SER B 174 26.15 -0.01 14.43
N GLY B 175 25.81 1.26 14.49
CA GLY B 175 26.69 2.35 14.13
C GLY B 175 26.24 3.14 12.94
N SER B 176 25.11 2.73 12.33
CA SER B 176 24.58 3.47 11.16
C SER B 176 23.07 3.47 11.31
N PRO B 177 22.38 4.56 10.94
CA PRO B 177 20.95 4.71 11.24
C PRO B 177 20.03 3.83 10.42
N LEU B 178 18.94 3.41 11.04
CA LEU B 178 17.87 2.73 10.37
C LEU B 178 16.61 3.14 11.08
N VAL B 179 15.55 3.27 10.30
CA VAL B 179 14.27 3.67 10.87
C VAL B 179 13.22 2.79 10.19
N ILE B 180 12.22 2.40 10.97
CA ILE B 180 11.10 1.55 10.44
C ILE B 180 9.93 2.45 10.18
N GLY B 181 9.28 2.27 9.02
CA GLY B 181 8.08 3.03 8.71
C GLY B 181 6.94 2.06 8.83
N LEU B 182 5.88 2.46 9.51
CA LEU B 182 4.76 1.58 9.81
C LEU B 182 3.67 1.78 8.79
N GLY B 183 3.26 0.73 8.09
CA GLY B 183 2.15 0.90 7.15
C GLY B 183 0.93 0.16 7.63
N MET B 184 -0.07 0.08 6.75
CA MET B 184 -1.28 -0.67 7.08
C MET B 184 -1.16 -2.01 6.42
N GLY B 185 -0.85 -3.04 7.18
CA GLY B 185 -0.61 -4.36 6.62
C GLY B 185 0.66 -4.44 5.79
N GLU B 186 1.58 -3.48 5.99
CA GLU B 186 2.91 -3.53 5.36
C GLU B 186 3.83 -2.69 6.22
N ASN B 187 5.12 -2.96 6.18
CA ASN B 187 6.09 -2.19 6.94
C ASN B 187 7.29 -1.89 6.09
N PHE B 188 8.07 -0.86 6.46
CA PHE B 188 9.18 -0.48 5.62
C PHE B 188 10.37 -0.21 6.52
N ILE B 189 11.53 -0.08 5.90
CA ILE B 189 12.72 0.29 6.67
C ILE B 189 13.59 1.13 5.76
N ALA B 190 14.29 2.09 6.33
CA ALA B 190 15.20 2.87 5.46
C ALA B 190 16.32 3.39 6.33
N SER B 191 17.38 3.90 5.68
CA SER B 191 18.42 4.49 6.45
C SER B 191 18.08 5.94 6.73
N ASP B 192 17.00 6.47 6.15
CA ASP B 192 16.61 7.84 6.45
C ASP B 192 15.12 7.97 6.27
N GLN B 193 14.42 8.57 7.22
CA GLN B 193 12.95 8.67 7.14
C GLN B 193 12.51 9.29 5.83
N LEU B 194 13.36 10.11 5.23
CA LEU B 194 12.97 10.81 4.00
C LEU B 194 12.58 9.89 2.84
N ALA B 195 13.20 8.71 2.81
CA ALA B 195 12.91 7.74 1.78
C ALA B 195 11.48 7.20 1.84
N LEU B 196 10.88 7.21 3.03
CA LEU B 196 9.63 6.50 3.23
C LEU B 196 8.38 7.39 3.24
N LEU B 197 8.58 8.69 3.28
CA LEU B 197 7.47 9.66 3.31
C LEU B 197 6.37 9.41 2.28
N PRO B 198 6.67 8.98 1.06
CA PRO B 198 5.55 8.73 0.12
C PRO B 198 4.58 7.64 0.53
N VAL B 199 4.98 6.80 1.47
CA VAL B 199 4.09 5.67 1.86
C VAL B 199 3.71 5.65 3.33
N THR B 200 4.45 6.36 4.18
CA THR B 200 4.01 6.43 5.58
C THR B 200 4.61 7.62 6.28
N ARG B 201 3.95 8.07 7.36
CA ARG B 201 4.49 9.15 8.15
C ARG B 201 4.72 8.69 9.58
N ARG B 202 4.63 7.38 9.81
CA ARG B 202 4.75 6.92 11.18
C ARG B 202 5.99 6.04 11.27
N PHE B 203 6.85 6.35 12.22
CA PHE B 203 8.18 5.77 12.25
C PHE B 203 8.54 5.25 13.61
N ILE B 204 9.37 4.21 13.60
CA ILE B 204 10.10 3.82 14.80
C ILE B 204 11.55 3.97 14.49
N PHE B 205 12.27 4.81 15.24
CA PHE B 205 13.71 4.90 15.05
C PHE B 205 14.37 3.81 15.85
N LEU B 206 15.19 3.02 15.19
CA LEU B 206 15.89 2.01 15.95
C LEU B 206 17.00 2.72 16.69
N GLU B 207 17.38 2.12 17.83
CA GLU B 207 18.47 2.61 18.63
C GLU B 207 19.72 1.79 18.44
N GLU B 208 20.85 2.32 18.86
CA GLU B 208 22.09 1.57 18.66
C GLU B 208 22.01 0.17 19.33
N GLY B 209 22.33 -0.88 18.58
CA GLY B 209 22.37 -2.23 19.08
C GLY B 209 21.05 -2.94 18.85
N ASP B 210 20.04 -2.26 18.31
CA ASP B 210 18.71 -2.90 18.12
C ASP B 210 18.73 -3.84 16.95
N ILE B 211 18.01 -4.94 17.08
CA ILE B 211 17.87 -5.85 15.97
C ILE B 211 16.37 -5.98 15.82
N ALA B 212 15.87 -5.77 14.60
CA ALA B 212 14.42 -5.79 14.43
C ALA B 212 14.03 -6.85 13.48
N GLU B 213 13.00 -7.57 13.88
CA GLU B 213 12.35 -8.53 13.02
C GLU B 213 11.04 -7.87 12.53
N ILE B 214 10.92 -7.73 11.22
CA ILE B 214 9.81 -6.95 10.63
C ILE B 214 9.00 -7.86 9.76
N THR B 215 7.68 -7.90 10.00
CA THR B 215 6.86 -8.62 9.04
C THR B 215 5.84 -7.65 8.52
N ARG B 216 4.90 -8.13 7.70
CA ARG B 216 3.85 -7.22 7.18
C ARG B 216 3.01 -6.73 8.33
N ARG B 217 2.94 -7.50 9.40
CA ARG B 217 1.97 -7.16 10.46
C ARG B 217 2.57 -6.84 11.80
N SER B 218 3.86 -6.97 11.96
CA SER B 218 4.43 -6.79 13.30
C SER B 218 5.86 -6.31 13.23
N VAL B 219 6.32 -5.60 14.25
CA VAL B 219 7.70 -5.19 14.33
C VAL B 219 8.12 -5.63 15.73
N ASN B 220 9.16 -6.43 15.84
CA ASN B 220 9.59 -6.87 17.16
C ASN B 220 11.05 -6.54 17.24
N ILE B 221 11.47 -5.84 18.28
CA ILE B 221 12.82 -5.34 18.32
C ILE B 221 13.48 -5.95 19.53
N PHE B 222 14.74 -6.29 19.39
CA PHE B 222 15.47 -7.05 20.40
C PHE B 222 16.83 -6.39 20.52
N ASP B 223 17.47 -6.58 21.64
CA ASP B 223 18.90 -6.28 21.71
C ASP B 223 19.74 -7.52 21.42
N LYS B 224 21.06 -7.39 21.55
CA LYS B 224 21.95 -8.51 21.22
C LYS B 224 21.84 -9.73 22.14
N THR B 225 21.28 -9.58 23.34
CA THR B 225 21.05 -10.76 24.17
C THR B 225 19.72 -11.44 23.83
N GLY B 226 19.00 -10.88 22.86
CA GLY B 226 17.75 -11.47 22.47
C GLY B 226 16.63 -11.00 23.34
N ALA B 227 16.90 -10.04 24.22
CA ALA B 227 15.85 -9.39 25.01
C ALA B 227 14.96 -8.48 24.15
N GLU B 228 13.66 -8.54 24.37
CA GLU B 228 12.75 -7.71 23.60
C GLU B 228 12.85 -6.33 24.21
N VAL B 229 12.84 -5.31 23.37
CA VAL B 229 12.83 -3.91 23.79
C VAL B 229 11.66 -3.19 23.20
N LYS B 230 11.30 -2.08 23.82
CA LYS B 230 10.08 -1.39 23.43
C LYS B 230 10.56 -0.10 22.84
N ARG B 231 10.13 0.20 21.61
CA ARG B 231 10.54 1.46 20.98
C ARG B 231 9.25 2.16 20.63
N GLN B 232 9.20 3.47 20.74
CA GLN B 232 7.92 4.14 20.53
C GLN B 232 7.81 4.54 19.07
N ASP B 233 6.63 4.45 18.49
CA ASP B 233 6.48 4.99 17.14
C ASP B 233 6.08 6.45 17.27
N ILE B 234 6.43 7.22 16.27
CA ILE B 234 6.14 8.66 16.28
C ILE B 234 5.70 9.05 14.90
N GLU B 235 4.83 10.05 14.86
CA GLU B 235 4.34 10.56 13.62
C GLU B 235 5.32 11.64 13.17
N SER B 236 5.72 11.57 11.91
CA SER B 236 6.60 12.57 11.33
C SER B 236 5.83 13.75 10.74
N ASN B 237 6.26 14.94 11.13
CA ASN B 237 5.74 16.21 10.61
C ASN B 237 6.43 16.69 9.31
N LEU B 238 7.41 15.92 8.82
CA LEU B 238 8.15 16.30 7.61
C LEU B 238 7.36 16.14 6.32
N GLN B 239 7.77 16.87 5.29
CA GLN B 239 7.16 16.75 3.97
C GLN B 239 8.24 16.67 2.92
#